data_5LPH
#
_entry.id   5LPH
#
_cell.length_a   52.288
_cell.length_b   53.445
_cell.length_c   155.356
_cell.angle_alpha   90.00
_cell.angle_beta   91.87
_cell.angle_gamma   90.00
#
_symmetry.space_group_name_H-M   'P 1 21 1'
#
loop_
_entity.id
_entity.type
_entity.pdbx_description
1 polymer 'Centrosomal protein of 104 kDa'
2 water water
#
_entity_poly.entity_id   1
_entity_poly.type   'polypeptide(L)'
_entity_poly.pdbx_seq_one_letter_code
;GPHGEAVVEPE(MSE)SNADISDARRGG(MSE)LGEPEPLTEKALREASSAIDVLGETLVAEAYCKTWSYREDALLALSK
KL(MSE)E(MSE)PVGTPKEDLKNTLRASVFLVRRAIKDIVTSVFQASLKLLK(MSE)IITQYIPKHKLSKLETAHCVER
TIPVLLTRTGDSSARLRVTAANFIQE(MSE)ALFKEVKSLQIIPSYLVQPLKANSSVHLA(MSE)SQ(MSE)GLLARLLK
DLGTGSSGFTIDNV(MSE)KFSVSALEHRVYEVRETAVRIILD(MSE)YRQHQASILEYLPPDDSNTRRNILYKTIFEGF
AKIDGRAT
;
_entity_poly.pdbx_strand_id   A,B
#
# COMPACT_ATOMS: atom_id res chain seq x y z
N LEU A 26 -7.19 -29.46 49.73
CA LEU A 26 -6.30 -29.70 48.55
C LEU A 26 -6.72 -30.96 47.77
N GLY A 27 -7.90 -30.90 47.14
CA GLY A 27 -8.34 -31.92 46.19
C GLY A 27 -7.64 -31.69 44.86
N GLU A 28 -7.60 -32.73 44.03
CA GLU A 28 -6.96 -32.64 42.72
C GLU A 28 -7.76 -31.75 41.74
N PRO A 29 -7.10 -31.25 40.66
CA PRO A 29 -7.81 -30.53 39.60
C PRO A 29 -8.88 -31.40 38.92
N GLU A 30 -9.98 -30.78 38.49
CA GLU A 30 -11.03 -31.50 37.77
C GLU A 30 -10.51 -31.94 36.39
N PRO A 31 -11.17 -32.93 35.75
CA PRO A 31 -10.63 -33.37 34.48
C PRO A 31 -10.88 -32.35 33.37
N LEU A 32 -10.08 -32.45 32.32
CA LEU A 32 -10.25 -31.63 31.13
C LEU A 32 -11.55 -32.02 30.42
N THR A 33 -12.28 -31.03 29.92
CA THR A 33 -13.46 -31.28 29.11
C THR A 33 -13.04 -31.86 27.77
N GLU A 34 -14.00 -32.41 27.02
CA GLU A 34 -13.72 -32.97 25.70
C GLU A 34 -13.18 -31.90 24.74
N LYS A 35 -13.76 -30.70 24.80
CA LYS A 35 -13.30 -29.55 23.99
C LYS A 35 -11.87 -29.13 24.31
N ALA A 36 -11.56 -29.03 25.61
CA ALA A 36 -10.21 -28.66 26.07
C ALA A 36 -9.16 -29.70 25.69
N LEU A 37 -9.56 -30.96 25.72
CA LEU A 37 -8.71 -32.09 25.39
C LEU A 37 -8.20 -32.01 23.94
N ARG A 38 -9.11 -31.71 23.02
CA ARG A 38 -8.74 -31.58 21.59
C ARG A 38 -7.95 -30.30 21.32
N GLU A 39 -8.37 -29.22 21.98
CA GLU A 39 -7.70 -27.92 21.94
C GLU A 39 -6.24 -28.00 22.43
N ALA A 40 -6.04 -28.65 23.57
CA ALA A 40 -4.71 -28.77 24.21
C ALA A 40 -3.98 -30.10 23.92
N SER A 41 -4.41 -30.81 22.88
CA SER A 41 -3.91 -32.15 22.56
C SER A 41 -2.39 -32.24 22.53
N SER A 42 -1.76 -31.31 21.81
CA SER A 42 -0.31 -31.30 21.65
C SER A 42 0.46 -30.90 22.92
N ALA A 43 -0.08 -29.94 23.66
CA ALA A 43 0.53 -29.52 24.93
C ALA A 43 0.57 -30.65 25.98
N ILE A 44 -0.46 -31.50 25.97
CA ILE A 44 -0.52 -32.69 26.85
C ILE A 44 0.64 -33.65 26.57
N ASP A 45 0.95 -33.89 25.30
CA ASP A 45 2.10 -34.75 24.93
C ASP A 45 3.43 -34.18 25.40
N VAL A 46 3.59 -32.86 25.32
CA VAL A 46 4.86 -32.20 25.62
C VAL A 46 5.02 -31.92 27.12
N LEU A 47 3.97 -31.40 27.75
CA LEU A 47 4.03 -30.97 29.17
C LEU A 47 3.44 -31.97 30.16
N GLY A 48 2.66 -32.93 29.67
CA GLY A 48 2.00 -33.92 30.53
C GLY A 48 0.59 -33.47 30.88
N GLU A 49 -0.27 -34.44 31.12
CA GLU A 49 -1.68 -34.16 31.41
C GLU A 49 -1.89 -33.43 32.72
N THR A 50 -1.08 -33.74 33.74
CA THR A 50 -1.24 -33.14 35.08
C THR A 50 -1.12 -31.62 35.02
N LEU A 51 -0.02 -31.14 34.43
CA LEU A 51 0.23 -29.71 34.32
C LEU A 51 -0.83 -29.00 33.48
N VAL A 52 -1.28 -29.62 32.39
CA VAL A 52 -2.32 -29.00 31.54
C VAL A 52 -3.66 -28.92 32.29
N ALA A 53 -4.01 -29.97 33.02
CA ALA A 53 -5.23 -30.00 33.83
C ALA A 53 -5.23 -28.92 34.91
N GLU A 54 -4.11 -28.76 35.62
CA GLU A 54 -3.90 -27.65 36.55
C GLU A 54 -4.20 -26.29 35.92
N ALA A 55 -3.59 -26.04 34.76
CA ALA A 55 -3.76 -24.78 34.03
C ALA A 55 -5.18 -24.48 33.58
N TYR A 56 -5.96 -25.52 33.30
CA TYR A 56 -7.35 -25.39 32.85
C TYR A 56 -8.42 -25.35 33.96
N CYS A 57 -8.06 -25.72 35.19
CA CYS A 57 -9.08 -25.96 36.22
C CYS A 57 -9.59 -24.66 36.86
N LYS A 58 -10.64 -24.81 37.67
CA LYS A 58 -11.37 -23.67 38.24
C LYS A 58 -10.73 -23.09 39.52
N THR A 59 -9.61 -23.64 39.97
CA THR A 59 -8.94 -23.17 41.18
C THR A 59 -7.74 -22.32 40.79
N TRP A 60 -7.81 -21.01 41.06
CA TRP A 60 -6.79 -20.08 40.58
C TRP A 60 -5.40 -20.39 41.09
N SER A 61 -5.29 -20.85 42.34
CA SER A 61 -3.98 -21.18 42.91
C SER A 61 -3.31 -22.36 42.21
N TYR A 62 -4.11 -23.26 41.62
CA TYR A 62 -3.58 -24.31 40.76
C TYR A 62 -3.18 -23.77 39.40
N ARG A 63 -3.99 -22.89 38.82
CA ARG A 63 -3.63 -22.25 37.55
C ARG A 63 -2.33 -21.46 37.69
N GLU A 64 -2.18 -20.76 38.80
CA GLU A 64 -0.95 -20.02 39.08
C GLU A 64 0.25 -20.96 39.26
N ASP A 65 0.05 -22.02 40.04
CA ASP A 65 1.10 -22.99 40.32
C ASP A 65 1.61 -23.69 39.06
N ALA A 66 0.70 -24.01 38.13
CA ALA A 66 1.07 -24.60 36.84
C ALA A 66 2.06 -23.71 36.08
N LEU A 67 1.76 -22.40 36.03
CA LEU A 67 2.61 -21.45 35.32
C LEU A 67 3.97 -21.26 35.99
N LEU A 68 3.98 -21.19 37.32
CA LEU A 68 5.24 -21.11 38.07
C LEU A 68 6.05 -22.41 37.99
N ALA A 69 5.38 -23.56 37.99
CA ALA A 69 6.06 -24.85 37.80
C ALA A 69 6.67 -24.98 36.40
N LEU A 70 5.93 -24.52 35.40
CA LEU A 70 6.39 -24.51 34.01
C LEU A 70 7.60 -23.59 33.86
N SER A 71 7.56 -22.44 34.53
CA SER A 71 8.68 -21.50 34.60
C SER A 71 9.97 -22.17 35.10
N LYS A 72 9.87 -22.89 36.22
CA LYS A 72 10.99 -23.68 36.77
C LYS A 72 11.49 -24.72 35.77
N LYS A 73 10.57 -25.52 35.25
CA LYS A 73 10.87 -26.60 34.29
C LYS A 73 11.62 -26.11 33.04
N LEU A 74 11.21 -24.98 32.47
CA LEU A 74 11.86 -24.43 31.29
C LEU A 74 13.33 -24.10 31.52
N MSE A 75 13.62 -23.44 32.65
CA MSE A 75 15.00 -23.01 32.95
C MSE A 75 15.90 -24.09 33.51
O MSE A 75 17.12 -23.89 33.56
CB MSE A 75 14.98 -21.81 33.90
CG MSE A 75 14.37 -20.58 33.23
SE MSE A 75 15.18 -20.10 31.49
CE MSE A 75 16.96 -19.58 32.17
N GLU A 76 15.35 -25.22 33.93
CA GLU A 76 16.16 -26.37 34.35
C GLU A 76 16.59 -27.28 33.19
N MSE A 77 16.07 -27.05 31.98
CA MSE A 77 16.45 -27.89 30.84
C MSE A 77 17.86 -27.59 30.42
O MSE A 77 18.20 -26.43 30.18
CB MSE A 77 15.51 -27.69 29.65
CG MSE A 77 14.21 -28.45 29.89
SE MSE A 77 12.89 -27.84 28.57
CE MSE A 77 12.79 -29.52 27.55
N PRO A 78 18.71 -28.62 30.32
CA PRO A 78 20.14 -28.39 30.07
C PRO A 78 20.46 -27.84 28.68
N VAL A 79 21.59 -27.14 28.58
CA VAL A 79 22.07 -26.54 27.31
C VAL A 79 22.09 -27.42 26.05
N GLY A 80 22.47 -28.70 26.18
CA GLY A 80 22.59 -29.63 25.06
C GLY A 80 21.32 -30.36 24.61
N THR A 81 20.18 -30.11 25.25
CA THR A 81 18.87 -30.69 24.87
C THR A 81 18.56 -30.50 23.38
N PRO A 82 18.07 -31.56 22.68
CA PRO A 82 17.76 -31.43 21.24
C PRO A 82 16.84 -30.24 20.91
N LYS A 83 17.17 -29.54 19.82
CA LYS A 83 16.45 -28.31 19.43
C LYS A 83 14.96 -28.51 19.27
N GLU A 84 14.54 -29.63 18.69
CA GLU A 84 13.12 -29.91 18.47
C GLU A 84 12.33 -30.08 19.77
N ASP A 85 12.96 -30.66 20.79
CA ASP A 85 12.34 -30.76 22.12
C ASP A 85 12.22 -29.36 22.77
N LEU A 86 13.26 -28.55 22.65
CA LEU A 86 13.25 -27.18 23.15
C LEU A 86 12.17 -26.32 22.47
N LYS A 87 12.02 -26.49 21.16
CA LYS A 87 10.98 -25.76 20.42
C LYS A 87 9.57 -26.24 20.75
N ASN A 88 9.36 -27.56 20.82
CA ASN A 88 8.05 -28.11 21.22
C ASN A 88 7.62 -27.61 22.59
N THR A 89 8.55 -27.65 23.53
CA THR A 89 8.30 -27.18 24.89
C THR A 89 7.96 -25.68 24.93
N LEU A 90 8.66 -24.90 24.12
CA LEU A 90 8.37 -23.48 23.95
C LEU A 90 6.97 -23.25 23.39
N ARG A 91 6.60 -24.00 22.35
CA ARG A 91 5.28 -23.84 21.69
CA ARG A 91 5.29 -23.84 21.70
C ARG A 91 4.12 -24.26 22.59
N ALA A 92 4.32 -25.30 23.39
CA ALA A 92 3.32 -25.75 24.34
C ALA A 92 3.15 -24.74 25.49
N SER A 93 4.27 -24.19 25.95
CA SER A 93 4.25 -23.17 27.00
C SER A 93 3.59 -21.87 26.53
N VAL A 94 3.86 -21.46 25.30
CA VAL A 94 3.21 -20.29 24.71
C VAL A 94 1.69 -20.50 24.58
N PHE A 95 1.28 -21.72 24.23
CA PHE A 95 -0.14 -22.08 24.18
C PHE A 95 -0.85 -21.83 25.53
N LEU A 96 -0.20 -22.24 26.62
CA LEU A 96 -0.75 -22.01 27.97
C LEU A 96 -0.68 -20.54 28.42
N VAL A 97 0.42 -19.85 28.09
CA VAL A 97 0.52 -18.40 28.36
C VAL A 97 -0.61 -17.63 27.70
N ARG A 98 -0.86 -17.94 26.43
CA ARG A 98 -1.93 -17.29 25.66
C ARG A 98 -3.30 -17.35 26.34
N ARG A 99 -3.67 -18.49 26.90
CA ARG A 99 -4.96 -18.64 27.58
C ARG A 99 -4.93 -17.96 28.96
N ALA A 100 -3.81 -18.05 29.66
CA ALA A 100 -3.65 -17.41 30.97
C ALA A 100 -3.61 -15.88 30.94
N ILE A 101 -3.26 -15.28 29.80
CA ILE A 101 -3.38 -13.84 29.60
C ILE A 101 -4.85 -13.37 29.70
N LYS A 102 -5.80 -14.24 29.36
CA LYS A 102 -7.22 -13.96 29.54
C LYS A 102 -7.80 -14.34 30.93
N ASP A 103 -6.95 -14.62 31.93
CA ASP A 103 -7.46 -15.16 33.20
C ASP A 103 -8.28 -14.13 33.98
N ILE A 104 -9.30 -14.63 34.68
CA ILE A 104 -10.18 -13.79 35.52
C ILE A 104 -9.60 -13.41 36.89
N VAL A 105 -8.42 -13.95 37.22
CA VAL A 105 -7.73 -13.66 38.48
C VAL A 105 -6.37 -13.03 38.17
N THR A 106 -6.10 -11.91 38.84
CA THR A 106 -4.93 -11.08 38.57
C THR A 106 -3.61 -11.82 38.73
N SER A 107 -3.46 -12.58 39.81
CA SER A 107 -2.23 -13.35 40.08
C SER A 107 -1.84 -14.33 38.98
N VAL A 108 -2.84 -14.92 38.34
CA VAL A 108 -2.61 -15.87 37.24
C VAL A 108 -2.17 -15.08 35.99
N PHE A 109 -2.87 -13.98 35.70
CA PHE A 109 -2.51 -13.05 34.62
C PHE A 109 -1.06 -12.56 34.76
N GLN A 110 -0.68 -12.15 35.97
CA GLN A 110 0.69 -11.70 36.25
C GLN A 110 1.75 -12.78 36.12
N ALA A 111 1.44 -13.99 36.58
CA ALA A 111 2.35 -15.14 36.43
C ALA A 111 2.58 -15.50 34.96
N SER A 112 1.56 -15.33 34.11
CA SER A 112 1.70 -15.58 32.68
C SER A 112 2.66 -14.59 32.01
N LEU A 113 2.64 -13.33 32.46
CA LEU A 113 3.57 -12.32 31.93
C LEU A 113 5.02 -12.58 32.36
N LYS A 114 5.20 -13.00 33.60
CA LYS A 114 6.52 -13.41 34.11
C LYS A 114 7.08 -14.58 33.30
N LEU A 115 6.25 -15.58 33.04
CA LEU A 115 6.63 -16.72 32.20
C LEU A 115 6.97 -16.28 30.77
N LEU A 116 6.13 -15.43 30.19
CA LEU A 116 6.33 -14.94 28.82
C LEU A 116 7.64 -14.18 28.70
N LYS A 117 7.91 -13.29 29.65
CA LYS A 117 9.16 -12.54 29.68
C LYS A 117 10.39 -13.46 29.80
N MSE A 118 10.30 -14.50 30.64
CA MSE A 118 11.40 -15.45 30.80
CA MSE A 118 11.40 -15.44 30.80
C MSE A 118 11.67 -16.20 29.51
O MSE A 118 12.82 -16.45 29.17
CB MSE A 118 11.12 -16.44 31.94
CB MSE A 118 11.10 -16.38 31.96
CG MSE A 118 12.24 -17.47 32.12
CG MSE A 118 12.29 -17.27 32.26
SE MSE A 118 11.84 -19.05 31.00
SE MSE A 118 12.11 -18.06 34.06
CE MSE A 118 10.42 -19.62 32.23
CE MSE A 118 12.48 -16.48 35.19
N ILE A 119 10.61 -16.59 28.80
CA ILE A 119 10.76 -17.32 27.54
C ILE A 119 11.48 -16.47 26.48
N ILE A 120 11.04 -15.23 26.30
CA ILE A 120 11.62 -14.34 25.28
C ILE A 120 13.04 -13.89 25.66
N THR A 121 13.25 -13.51 26.93
CA THR A 121 14.48 -12.84 27.38
C THR A 121 15.57 -13.76 27.94
N GLN A 122 15.21 -14.97 28.36
CA GLN A 122 16.17 -15.88 29.00
C GLN A 122 16.32 -17.24 28.30
N TYR A 123 15.20 -17.91 28.05
CA TYR A 123 15.18 -19.26 27.45
C TYR A 123 15.69 -19.25 26.01
N ILE A 124 15.13 -18.37 25.19
CA ILE A 124 15.50 -18.29 23.77
C ILE A 124 17.01 -17.99 23.56
N PRO A 125 17.55 -16.92 24.19
CA PRO A 125 19.01 -16.67 24.11
C PRO A 125 19.91 -17.74 24.77
N LYS A 126 19.45 -18.37 25.84
CA LYS A 126 20.19 -19.46 26.49
C LYS A 126 20.47 -20.63 25.55
N HIS A 127 19.45 -21.02 24.78
CA HIS A 127 19.54 -22.17 23.87
C HIS A 127 19.82 -21.76 22.41
N LYS A 128 20.11 -20.48 22.19
CA LYS A 128 20.45 -19.94 20.87
C LYS A 128 19.41 -20.29 19.81
N LEU A 129 18.13 -20.10 20.14
CA LEU A 129 17.03 -20.36 19.22
C LEU A 129 16.86 -19.17 18.29
N SER A 130 16.13 -19.38 17.20
CA SER A 130 16.08 -18.43 16.11
C SER A 130 15.07 -17.30 16.33
N LYS A 131 15.09 -16.36 15.38
CA LYS A 131 14.10 -15.29 15.29
C LYS A 131 12.68 -15.79 15.05
N LEU A 132 12.52 -16.96 14.43
CA LEU A 132 11.18 -17.56 14.23
C LEU A 132 10.50 -17.94 15.56
N GLU A 133 11.28 -18.34 16.55
CA GLU A 133 10.74 -18.63 17.89
C GLU A 133 10.30 -17.37 18.61
N THR A 134 11.17 -16.37 18.64
CA THR A 134 10.85 -15.06 19.21
C THR A 134 9.57 -14.51 18.58
N ALA A 135 9.52 -14.54 17.24
CA ALA A 135 8.33 -14.10 16.51
C ALA A 135 7.08 -14.87 16.90
N HIS A 136 7.20 -16.19 17.07
CA HIS A 136 6.08 -17.02 17.48
C HIS A 136 5.51 -16.60 18.86
N CYS A 137 6.38 -16.39 19.84
CA CYS A 137 5.97 -15.91 21.16
C CYS A 137 5.20 -14.60 21.08
N VAL A 138 5.75 -13.66 20.30
CA VAL A 138 5.16 -12.34 20.15
C VAL A 138 3.80 -12.41 19.42
N GLU A 139 3.75 -13.10 18.29
CA GLU A 139 2.53 -13.17 17.46
C GLU A 139 1.35 -13.85 18.15
N ARG A 140 1.62 -14.86 18.97
CA ARG A 140 0.57 -15.59 19.69
C ARG A 140 0.07 -14.90 20.95
N THR A 141 0.84 -13.97 21.52
CA THR A 141 0.51 -13.34 22.80
C THR A 141 0.11 -11.87 22.71
N ILE A 142 0.76 -11.08 21.85
CA ILE A 142 0.51 -9.63 21.84
C ILE A 142 -0.94 -9.25 21.50
N PRO A 143 -1.58 -9.92 20.50
CA PRO A 143 -2.98 -9.58 20.21
C PRO A 143 -3.93 -9.85 21.38
N VAL A 144 -3.68 -10.92 22.12
CA VAL A 144 -4.50 -11.28 23.27
C VAL A 144 -4.23 -10.29 24.42
N LEU A 145 -2.98 -9.88 24.55
CA LEU A 145 -2.59 -8.90 25.55
C LEU A 145 -3.19 -7.52 25.26
N LEU A 146 -3.31 -7.16 23.98
CA LEU A 146 -3.99 -5.91 23.58
C LEU A 146 -5.47 -5.88 23.93
N THR A 147 -6.15 -7.03 23.85
CA THR A 147 -7.55 -7.12 24.34
C THR A 147 -7.66 -6.79 25.83
N ARG A 148 -6.68 -7.21 26.64
CA ARG A 148 -6.66 -6.85 28.07
C ARG A 148 -6.41 -5.36 28.37
N THR A 149 -5.91 -4.59 27.40
CA THR A 149 -5.83 -3.13 27.55
C THR A 149 -7.20 -2.44 27.39
N GLY A 150 -8.24 -3.20 26.99
CA GLY A 150 -9.63 -2.73 27.09
C GLY A 150 -10.40 -3.25 28.30
N ASP A 151 -9.71 -3.71 29.34
CA ASP A 151 -10.35 -4.25 30.55
C ASP A 151 -11.05 -3.13 31.33
N SER A 152 -12.02 -3.50 32.15
CA SER A 152 -12.73 -2.53 33.01
C SER A 152 -11.84 -2.02 34.15
N SER A 153 -10.89 -2.84 34.60
CA SER A 153 -9.94 -2.44 35.65
C SER A 153 -8.80 -1.60 35.06
N ALA A 154 -8.66 -0.38 35.57
CA ALA A 154 -7.61 0.55 35.14
C ALA A 154 -6.20 0.03 35.45
N ARG A 155 -6.05 -0.58 36.62
CA ARG A 155 -4.77 -1.16 37.03
C ARG A 155 -4.32 -2.30 36.09
N LEU A 156 -5.27 -3.09 35.61
CA LEU A 156 -4.99 -4.17 34.68
C LEU A 156 -4.61 -3.63 33.28
N ARG A 157 -5.34 -2.62 32.79
CA ARG A 157 -5.00 -1.93 31.53
C ARG A 157 -3.56 -1.40 31.53
N VAL A 158 -3.16 -0.77 32.64
CA VAL A 158 -1.79 -0.25 32.80
C VAL A 158 -0.74 -1.38 32.81
N THR A 159 -1.02 -2.47 33.51
CA THR A 159 -0.08 -3.61 33.56
C THR A 159 0.11 -4.23 32.17
N ALA A 160 -1.00 -4.43 31.46
CA ALA A 160 -0.96 -4.97 30.11
C ALA A 160 -0.20 -4.05 29.15
N ALA A 161 -0.52 -2.75 29.19
CA ALA A 161 0.13 -1.76 28.32
C ALA A 161 1.62 -1.63 28.61
N ASN A 162 1.99 -1.54 29.89
CA ASN A 162 3.41 -1.48 30.27
C ASN A 162 4.19 -2.71 29.79
N PHE A 163 3.59 -3.91 29.86
CA PHE A 163 4.25 -5.12 29.37
C PHE A 163 4.50 -5.11 27.87
N ILE A 164 3.52 -4.60 27.11
CA ILE A 164 3.63 -4.49 25.65
C ILE A 164 4.78 -3.53 25.28
N GLN A 165 4.84 -2.41 25.97
CA GLN A 165 5.92 -1.43 25.84
C GLN A 165 7.30 -2.03 26.20
N GLU A 166 7.33 -2.83 27.27
CA GLU A 166 8.53 -3.55 27.71
C GLU A 166 9.04 -4.53 26.65
N MSE A 167 8.13 -5.31 26.05
CA MSE A 167 8.49 -6.28 25.00
C MSE A 167 8.90 -5.59 23.73
O MSE A 167 9.87 -6.00 23.10
CB MSE A 167 7.38 -7.26 24.62
CG MSE A 167 7.05 -8.42 25.55
SE MSE A 167 6.07 -9.73 24.43
CE MSE A 167 4.44 -8.68 24.01
N ALA A 168 8.18 -4.53 23.34
CA ALA A 168 8.51 -3.77 22.13
C ALA A 168 9.94 -3.22 22.11
N LEU A 169 10.51 -2.98 23.30
CA LEU A 169 11.88 -2.45 23.43
C LEU A 169 12.96 -3.49 23.78
N PHE A 170 12.59 -4.74 24.08
CA PHE A 170 13.57 -5.84 24.15
C PHE A 170 14.26 -5.97 22.79
N LYS A 171 15.58 -6.07 22.82
CA LYS A 171 16.43 -6.00 21.62
C LYS A 171 15.97 -6.96 20.50
N GLU A 172 15.75 -8.21 20.87
CA GLU A 172 15.38 -9.26 19.91
C GLU A 172 14.00 -9.02 19.28
N VAL A 173 13.06 -8.50 20.06
CA VAL A 173 11.70 -8.23 19.58
C VAL A 173 11.64 -6.94 18.76
N LYS A 174 12.34 -5.90 19.22
CA LYS A 174 12.45 -4.62 18.49
C LYS A 174 12.92 -4.81 17.04
N SER A 175 13.89 -5.69 16.84
CA SER A 175 14.42 -6.02 15.50
C SER A 175 13.39 -6.58 14.52
N LEU A 176 12.38 -7.29 15.02
CA LEU A 176 11.37 -7.94 14.17
C LEU A 176 10.29 -7.01 13.62
N GLN A 177 10.14 -5.83 14.23
CA GLN A 177 9.16 -4.81 13.79
C GLN A 177 7.69 -5.27 13.84
N ILE A 178 7.39 -6.22 14.72
CA ILE A 178 6.07 -6.84 14.77
C ILE A 178 5.07 -5.99 15.56
N ILE A 179 5.47 -5.52 16.73
CA ILE A 179 4.54 -4.85 17.66
C ILE A 179 3.97 -3.54 17.11
N PRO A 180 4.81 -2.67 16.52
CA PRO A 180 4.28 -1.48 15.85
C PRO A 180 3.17 -1.75 14.84
N SER A 181 3.26 -2.86 14.11
CA SER A 181 2.25 -3.24 13.14
C SER A 181 0.87 -3.55 13.73
N TYR A 182 0.83 -4.05 14.97
CA TYR A 182 -0.44 -4.23 15.69
C TYR A 182 -1.04 -2.90 16.15
N LEU A 183 -0.17 -1.97 16.54
CA LEU A 183 -0.61 -0.69 17.09
C LEU A 183 -1.14 0.29 16.05
N VAL A 184 -0.82 0.08 14.78
CA VAL A 184 -1.35 0.92 13.68
C VAL A 184 -2.54 0.28 12.94
N GLN A 185 -3.04 -0.86 13.42
CA GLN A 185 -4.20 -1.50 12.83
C GLN A 185 -5.42 -0.65 13.15
N PRO A 186 -6.30 -0.40 12.16
CA PRO A 186 -7.34 0.60 12.41
C PRO A 186 -8.32 0.21 13.52
N LEU A 187 -8.82 1.22 14.24
CA LEU A 187 -9.77 1.02 15.31
C LEU A 187 -11.11 0.61 14.72
N LYS A 188 -11.70 -0.45 15.27
CA LYS A 188 -12.98 -0.99 14.80
C LYS A 188 -14.10 -0.03 15.22
N ALA A 189 -15.16 0.02 14.42
CA ALA A 189 -16.28 0.92 14.66
C ALA A 189 -16.91 0.72 16.04
N ASN A 190 -17.20 -0.54 16.36
CA ASN A 190 -17.81 -0.92 17.65
C ASN A 190 -16.79 -1.12 18.81
N SER A 191 -15.55 -0.62 18.64
CA SER A 191 -14.52 -0.79 19.67
C SER A 191 -14.85 0.02 20.91
N SER A 192 -14.46 -0.51 22.07
CA SER A 192 -14.74 0.13 23.35
C SER A 192 -13.88 1.38 23.51
N VAL A 193 -14.31 2.23 24.43
CA VAL A 193 -13.61 3.48 24.76
C VAL A 193 -12.22 3.19 25.33
N HIS A 194 -12.13 2.20 26.22
CA HIS A 194 -10.87 1.81 26.86
C HIS A 194 -9.85 1.22 25.88
N LEU A 195 -10.32 0.34 25.01
CA LEU A 195 -9.47 -0.34 24.02
C LEU A 195 -8.83 0.66 23.06
N ALA A 196 -9.65 1.55 22.52
CA ALA A 196 -9.20 2.60 21.59
C ALA A 196 -8.18 3.56 22.23
N MSE A 197 -8.47 4.02 23.44
CA MSE A 197 -7.59 4.96 24.19
C MSE A 197 -6.27 4.31 24.51
O MSE A 197 -5.23 4.95 24.39
CB MSE A 197 -8.23 5.59 25.44
CG MSE A 197 -8.06 7.13 25.60
SE MSE A 197 -8.63 8.10 23.97
CE MSE A 197 -10.52 7.60 24.20
N SER A 198 -6.29 3.03 24.89
CA SER A 198 -5.06 2.28 25.20
C SER A 198 -4.17 2.09 23.97
N GLN A 199 -4.77 1.74 22.84
CA GLN A 199 -4.01 1.56 21.59
C GLN A 199 -3.34 2.87 21.16
N MSE A 200 -4.08 3.96 21.25
CA MSE A 200 -3.57 5.29 20.91
C MSE A 200 -2.47 5.75 21.83
O MSE A 200 -1.48 6.33 21.37
CB MSE A 200 -4.72 6.27 20.94
CG MSE A 200 -5.38 6.21 19.61
SE MSE A 200 -7.02 7.27 19.68
CE MSE A 200 -6.59 8.24 18.01
N GLY A 201 -2.63 5.50 23.13
CA GLY A 201 -1.60 5.77 24.12
C GLY A 201 -0.32 5.01 23.84
N LEU A 202 -0.44 3.72 23.54
CA LEU A 202 0.72 2.89 23.20
C LEU A 202 1.40 3.33 21.91
N LEU A 203 0.60 3.69 20.91
CA LEU A 203 1.11 4.19 19.64
C LEU A 203 1.95 5.45 19.85
N ALA A 204 1.37 6.46 20.52
CA ALA A 204 2.09 7.70 20.80
C ALA A 204 3.37 7.49 21.59
N ARG A 205 3.32 6.67 22.64
CA ARG A 205 4.52 6.45 23.48
C ARG A 205 5.62 5.68 22.77
N LEU A 206 5.27 4.65 22.02
CA LEU A 206 6.25 3.84 21.29
C LEU A 206 6.78 4.50 20.01
N LEU A 207 5.94 5.29 19.35
CA LEU A 207 6.36 6.14 18.23
C LEU A 207 7.49 7.09 18.66
N LYS A 208 7.33 7.74 19.81
CA LYS A 208 8.36 8.62 20.38
C LYS A 208 9.64 7.86 20.79
N ASP A 209 9.48 6.65 21.32
CA ASP A 209 10.64 5.83 21.75
C ASP A 209 11.38 5.17 20.58
N LEU A 210 10.64 4.68 19.58
CA LEU A 210 11.21 3.89 18.47
C LEU A 210 11.42 4.68 17.17
N GLY A 211 10.59 5.70 16.94
CA GLY A 211 10.70 6.54 15.75
C GLY A 211 10.24 5.83 14.50
N THR A 212 10.67 6.37 13.35
CA THR A 212 10.29 5.87 12.02
C THR A 212 11.52 5.23 11.35
N GLY A 213 11.28 4.29 10.44
CA GLY A 213 12.35 3.68 9.64
C GLY A 213 12.57 2.23 10.02
N SER A 214 13.56 1.98 10.87
CA SER A 214 13.88 0.61 11.33
C SER A 214 12.88 0.01 12.33
N SER A 215 12.01 0.83 12.90
CA SER A 215 11.07 0.42 13.94
C SER A 215 9.92 -0.48 13.46
N GLY A 216 9.37 -0.16 12.28
CA GLY A 216 8.11 -0.76 11.81
C GLY A 216 7.02 0.28 11.67
N PHE A 217 7.13 1.39 12.38
CA PHE A 217 6.32 2.58 12.12
C PHE A 217 6.83 3.30 10.88
N THR A 218 5.89 3.75 10.05
CA THR A 218 6.18 4.56 8.88
C THR A 218 5.20 5.73 8.85
N ILE A 219 5.59 6.85 8.25
CA ILE A 219 4.68 7.97 7.99
C ILE A 219 3.39 7.41 7.36
N ASP A 220 3.54 6.44 6.45
CA ASP A 220 2.41 5.82 5.76
C ASP A 220 1.39 5.16 6.71
N ASN A 221 1.82 4.16 7.48
CA ASN A 221 0.87 3.43 8.38
C ASN A 221 0.40 4.25 9.60
N VAL A 222 1.24 5.15 10.12
CA VAL A 222 0.84 6.05 11.22
C VAL A 222 -0.27 7.03 10.79
N MSE A 223 -0.09 7.68 9.65
CA MSE A 223 -1.05 8.68 9.15
C MSE A 223 -2.33 8.02 8.69
O MSE A 223 -3.42 8.54 8.95
CB MSE A 223 -0.46 9.50 8.00
CG MSE A 223 0.69 10.41 8.47
SE MSE A 223 0.11 11.80 9.74
CE MSE A 223 -1.56 12.39 8.86
N LYS A 224 -2.19 6.91 7.99
CA LYS A 224 -3.32 6.06 7.60
C LYS A 224 -4.21 5.74 8.80
N PHE A 225 -3.58 5.34 9.91
CA PHE A 225 -4.29 5.07 11.18
C PHE A 225 -4.94 6.30 11.79
N SER A 226 -4.17 7.38 11.89
CA SER A 226 -4.65 8.61 12.55
C SER A 226 -5.81 9.26 11.82
N VAL A 227 -5.70 9.36 10.49
CA VAL A 227 -6.76 9.96 9.65
C VAL A 227 -8.04 9.11 9.72
N SER A 228 -7.90 7.79 9.73
CA SER A 228 -9.04 6.89 9.93
C SER A 228 -9.74 7.09 11.28
N ALA A 229 -8.94 7.33 12.33
CA ALA A 229 -9.47 7.58 13.68
C ALA A 229 -10.28 8.87 13.81
N LEU A 230 -10.06 9.84 12.93
CA LEU A 230 -10.87 11.07 12.89
C LEU A 230 -12.36 10.85 12.62
N GLU A 231 -12.74 9.69 12.09
CA GLU A 231 -14.16 9.33 11.91
C GLU A 231 -14.76 8.47 13.05
N HIS A 232 -14.03 8.28 14.15
CA HIS A 232 -14.51 7.45 15.26
C HIS A 232 -15.63 8.18 16.02
N ARG A 233 -16.58 7.40 16.55
CA ARG A 233 -17.77 7.97 17.22
C ARG A 233 -17.47 8.71 18.54
N VAL A 234 -16.40 8.30 19.21
CA VAL A 234 -16.02 8.83 20.53
C VAL A 234 -15.20 10.10 20.33
N TYR A 235 -15.63 11.18 20.97
CA TYR A 235 -14.98 12.49 20.85
C TYR A 235 -13.50 12.45 21.24
N GLU A 236 -13.23 11.82 22.38
CA GLU A 236 -11.86 11.73 22.90
C GLU A 236 -10.89 10.96 21.97
N VAL A 237 -11.40 9.97 21.24
CA VAL A 237 -10.61 9.26 20.21
C VAL A 237 -10.23 10.21 19.07
N ARG A 238 -11.22 10.92 18.54
CA ARG A 238 -10.99 11.90 17.47
C ARG A 238 -10.01 12.98 17.92
N GLU A 239 -10.19 13.47 19.15
CA GLU A 239 -9.32 14.50 19.72
C GLU A 239 -7.85 14.04 19.83
N THR A 240 -7.62 12.78 20.18
CA THR A 240 -6.25 12.24 20.27
C THR A 240 -5.62 12.07 18.88
N ALA A 241 -6.43 11.71 17.89
CA ALA A 241 -5.96 11.63 16.49
C ALA A 241 -5.42 12.97 16.01
N VAL A 242 -6.13 14.05 16.35
CA VAL A 242 -5.68 15.42 16.04
C VAL A 242 -4.30 15.65 16.65
N ARG A 243 -4.14 15.34 17.94
CA ARG A 243 -2.86 15.50 18.65
C ARG A 243 -1.68 14.74 18.03
N ILE A 244 -1.93 13.53 17.52
CA ILE A 244 -0.88 12.73 16.84
C ILE A 244 -0.52 13.33 15.47
N ILE A 245 -1.53 13.76 14.73
CA ILE A 245 -1.30 14.40 13.43
C ILE A 245 -0.43 15.67 13.58
N LEU A 246 -0.74 16.49 14.59
CA LEU A 246 0.05 17.70 14.88
C LEU A 246 1.50 17.36 15.28
N ASP A 247 1.69 16.32 16.07
CA ASP A 247 3.03 15.83 16.44
C ASP A 247 3.83 15.36 15.22
N MSE A 248 3.16 14.71 14.27
CA MSE A 248 3.80 14.23 13.05
C MSE A 248 4.17 15.37 12.13
O MSE A 248 5.14 15.26 11.37
CB MSE A 248 2.90 13.25 12.29
CG MSE A 248 2.74 11.94 13.06
SE MSE A 248 4.38 10.82 12.93
CE MSE A 248 4.11 10.20 11.08
N TYR A 249 3.41 16.47 12.19
CA TYR A 249 3.73 17.69 11.43
C TYR A 249 4.97 18.40 11.98
N ARG A 250 5.12 18.46 13.31
CA ARG A 250 6.32 19.01 13.96
C ARG A 250 7.61 18.27 13.57
N GLN A 251 7.53 16.96 13.37
CA GLN A 251 8.69 16.12 13.05
C GLN A 251 8.97 16.08 11.55
N HIS A 252 7.94 15.74 10.76
CA HIS A 252 8.11 15.43 9.33
C HIS A 252 7.63 16.51 8.33
N GLN A 253 6.90 17.51 8.82
CA GLN A 253 6.58 18.73 8.06
C GLN A 253 5.78 18.49 6.76
N ALA A 254 6.46 18.47 5.62
CA ALA A 254 5.79 18.51 4.31
C ALA A 254 5.30 17.14 3.82
N SER A 255 6.02 16.08 4.18
CA SER A 255 5.72 14.73 3.68
C SER A 255 4.41 14.08 4.21
N ILE A 256 3.77 14.67 5.20
CA ILE A 256 2.47 14.17 5.70
C ILE A 256 1.24 14.77 5.00
N LEU A 257 1.42 15.85 4.24
CA LEU A 257 0.27 16.60 3.69
C LEU A 257 -0.53 15.84 2.64
N GLU A 258 0.12 14.94 1.91
CA GLU A 258 -0.55 14.06 0.94
C GLU A 258 -1.62 13.15 1.58
N TYR A 259 -1.44 12.81 2.86
CA TYR A 259 -2.39 11.95 3.60
C TYR A 259 -3.67 12.63 4.06
N LEU A 260 -3.70 13.96 3.99
CA LEU A 260 -4.84 14.76 4.42
C LEU A 260 -5.56 15.36 3.23
N PRO A 261 -6.78 15.88 3.44
CA PRO A 261 -7.44 16.70 2.41
C PRO A 261 -6.71 18.05 2.17
N PRO A 262 -7.14 18.83 1.16
CA PRO A 262 -6.45 20.09 0.86
C PRO A 262 -6.84 21.22 1.82
N ASP A 263 -5.90 22.12 2.08
CA ASP A 263 -6.08 23.24 3.01
C ASP A 263 -6.91 24.36 2.38
N ASP A 264 -8.22 24.35 2.63
CA ASP A 264 -9.09 25.46 2.20
C ASP A 264 -10.36 25.52 3.05
N SER A 265 -11.09 26.61 2.87
CA SER A 265 -12.24 26.94 3.72
C SER A 265 -13.45 25.97 3.60
N ASN A 266 -13.56 25.25 2.49
CA ASN A 266 -14.56 24.19 2.34
C ASN A 266 -14.23 22.94 3.18
N THR A 267 -12.94 22.58 3.23
CA THR A 267 -12.45 21.50 4.09
C THR A 267 -12.62 21.87 5.57
N ARG A 268 -12.36 23.13 5.91
CA ARG A 268 -12.43 23.63 7.30
C ARG A 268 -13.83 23.70 7.91
N ARG A 269 -14.88 23.47 7.12
CA ARG A 269 -16.25 23.32 7.64
C ARG A 269 -16.47 22.03 8.46
N ASN A 270 -15.49 21.12 8.48
CA ASN A 270 -15.41 20.08 9.50
C ASN A 270 -14.52 20.62 10.63
N ILE A 271 -15.02 20.59 11.86
CA ILE A 271 -14.38 21.27 13.00
C ILE A 271 -13.00 20.69 13.37
N LEU A 272 -12.82 19.38 13.15
CA LEU A 272 -11.56 18.69 13.46
C LEU A 272 -10.45 19.11 12.50
N TYR A 273 -10.78 19.17 11.22
CA TYR A 273 -9.82 19.63 10.20
C TYR A 273 -9.46 21.12 10.35
N LYS A 274 -10.41 21.94 10.82
CA LYS A 274 -10.10 23.33 11.19
C LYS A 274 -8.97 23.35 12.21
N THR A 275 -9.16 22.63 13.32
CA THR A 275 -8.16 22.53 14.40
C THR A 275 -6.79 22.07 13.89
N ILE A 276 -6.79 21.09 12.98
CA ILE A 276 -5.56 20.56 12.40
C ILE A 276 -4.83 21.60 11.56
N PHE A 277 -5.55 22.23 10.63
CA PHE A 277 -4.91 23.15 9.67
C PHE A 277 -4.46 24.48 10.29
N GLU A 278 -5.23 25.04 11.22
CA GLU A 278 -4.76 26.20 11.99
C GLU A 278 -3.73 25.77 13.05
N GLY A 279 -3.76 24.49 13.44
CA GLY A 279 -2.66 23.87 14.16
C GLY A 279 -1.36 23.87 13.36
N PHE A 280 -1.42 23.49 12.09
CA PHE A 280 -0.26 23.55 11.19
C PHE A 280 0.23 24.99 11.01
N ALA A 281 -0.71 25.92 10.84
CA ALA A 281 -0.41 27.36 10.73
C ALA A 281 0.33 27.90 11.97
N LYS A 282 -0.07 27.42 13.15
CA LYS A 282 0.58 27.80 14.42
C LYS A 282 2.02 27.31 14.51
N ILE A 283 2.27 26.09 14.02
CA ILE A 283 3.60 25.47 14.08
C ILE A 283 4.63 26.14 13.16
N ASP A 284 4.18 26.73 12.05
CA ASP A 284 5.03 27.45 11.09
C ASP A 284 5.05 28.96 11.36
N GLY A 285 5.79 29.71 10.54
CA GLY A 285 5.84 31.17 10.64
C GLY A 285 4.77 31.86 9.82
N GLY B 27 31.15 21.20 -32.27
CA GLY B 27 31.80 19.86 -32.34
C GLY B 27 30.84 18.73 -32.66
N GLU B 28 31.37 17.61 -33.14
CA GLU B 28 30.56 16.43 -33.47
C GLU B 28 30.00 15.76 -32.20
N PRO B 29 28.92 14.95 -32.33
CA PRO B 29 28.46 14.11 -31.22
C PRO B 29 29.51 13.11 -30.73
N GLU B 30 29.53 12.83 -29.43
CA GLU B 30 30.49 11.86 -28.89
C GLU B 30 30.14 10.46 -29.38
N PRO B 31 31.10 9.51 -29.32
CA PRO B 31 30.77 8.21 -29.87
C PRO B 31 29.82 7.44 -28.97
N LEU B 32 29.13 6.47 -29.57
CA LEU B 32 28.27 5.56 -28.82
C LEU B 32 29.12 4.68 -27.92
N THR B 33 28.63 4.44 -26.70
CA THR B 33 29.30 3.52 -25.78
C THR B 33 29.13 2.10 -26.31
N GLU B 34 29.91 1.16 -25.78
CA GLU B 34 29.79 -0.24 -26.17
C GLU B 34 28.39 -0.80 -25.88
N LYS B 35 27.83 -0.44 -24.71
CA LYS B 35 26.46 -0.82 -24.33
C LYS B 35 25.40 -0.29 -25.29
N ALA B 36 25.49 1.00 -25.64
CA ALA B 36 24.56 1.65 -26.56
C ALA B 36 24.63 1.05 -27.97
N LEU B 37 25.83 0.67 -28.38
CA LEU B 37 26.11 0.08 -29.67
C LEU B 37 25.35 -1.24 -29.86
N ARG B 38 25.37 -2.10 -28.85
CA ARG B 38 24.67 -3.38 -28.89
C ARG B 38 23.15 -3.20 -28.77
N GLU B 39 22.76 -2.27 -27.90
CA GLU B 39 21.36 -1.88 -27.67
C GLU B 39 20.71 -1.33 -28.96
N ALA B 40 21.42 -0.43 -29.64
CA ALA B 40 20.91 0.24 -30.84
C ALA B 40 21.41 -0.39 -32.16
N SER B 41 21.91 -1.62 -32.09
CA SER B 41 22.57 -2.30 -33.23
C SER B 41 21.75 -2.25 -34.51
N SER B 42 20.47 -2.62 -34.38
CA SER B 42 19.57 -2.68 -35.53
C SER B 42 19.20 -1.29 -36.06
N ALA B 43 18.99 -0.32 -35.16
CA ALA B 43 18.66 1.05 -35.57
C ALA B 43 19.79 1.70 -36.39
N ILE B 44 21.04 1.36 -36.06
CA ILE B 44 22.22 1.83 -36.80
C ILE B 44 22.22 1.36 -38.25
N ASP B 45 21.87 0.09 -38.48
CA ASP B 45 21.73 -0.43 -39.85
C ASP B 45 20.64 0.26 -40.65
N VAL B 46 19.52 0.56 -40.00
CA VAL B 46 18.35 1.12 -40.67
C VAL B 46 18.47 2.63 -40.85
N LEU B 47 18.88 3.34 -39.79
CA LEU B 47 18.92 4.80 -39.78
C LEU B 47 20.30 5.41 -40.00
N GLY B 48 21.36 4.62 -39.84
CA GLY B 48 22.74 5.10 -40.00
C GLY B 48 23.31 5.49 -38.65
N GLU B 49 24.63 5.39 -38.54
CA GLU B 49 25.32 5.65 -37.28
C GLU B 49 25.24 7.11 -36.86
N THR B 50 25.31 8.04 -37.82
CA THR B 50 25.34 9.47 -37.55
C THR B 50 24.09 9.90 -36.78
N LEU B 51 22.93 9.54 -37.31
CA LEU B 51 21.65 9.88 -36.69
C LEU B 51 21.48 9.23 -35.30
N VAL B 52 21.90 7.98 -35.15
CA VAL B 52 21.77 7.31 -33.84
C VAL B 52 22.71 7.96 -32.80
N ALA B 53 23.92 8.30 -33.21
CA ALA B 53 24.90 8.97 -32.33
C ALA B 53 24.37 10.34 -31.86
N GLU B 54 23.82 11.12 -32.78
CA GLU B 54 23.13 12.37 -32.45
C GLU B 54 22.07 12.18 -31.35
N ALA B 55 21.20 11.20 -31.56
CA ALA B 55 20.11 10.90 -30.62
C ALA B 55 20.58 10.49 -29.22
N TYR B 56 21.74 9.83 -29.14
CA TYR B 56 22.30 9.34 -27.86
C TYR B 56 23.18 10.35 -27.12
N CYS B 57 23.62 11.43 -27.77
CA CYS B 57 24.67 12.28 -27.22
C CYS B 57 24.17 13.27 -26.17
N LYS B 58 25.11 13.94 -25.51
CA LYS B 58 24.84 14.82 -24.36
C LYS B 58 24.44 16.26 -24.74
N THR B 59 24.37 16.57 -26.03
CA THR B 59 23.97 17.91 -26.49
C THR B 59 22.49 17.89 -26.96
N TRP B 60 21.62 18.56 -26.21
CA TRP B 60 20.18 18.45 -26.46
C TRP B 60 19.77 18.92 -27.85
N SER B 61 20.44 19.96 -28.37
CA SER B 61 20.11 20.46 -29.71
C SER B 61 20.43 19.44 -30.81
N TYR B 62 21.39 18.54 -30.57
CA TYR B 62 21.65 17.42 -31.46
C TYR B 62 20.60 16.32 -31.29
N ARG B 63 20.23 16.01 -30.05
CA ARG B 63 19.15 15.05 -29.81
C ARG B 63 17.85 15.52 -30.46
N GLU B 64 17.54 16.81 -30.37
CA GLU B 64 16.36 17.38 -31.01
C GLU B 64 16.43 17.31 -32.52
N ASP B 65 17.59 17.70 -33.07
CA ASP B 65 17.81 17.70 -34.50
C ASP B 65 17.67 16.30 -35.12
N ALA B 66 18.16 15.28 -34.41
CA ALA B 66 18.02 13.90 -34.87
C ALA B 66 16.56 13.51 -35.06
N LEU B 67 15.72 13.85 -34.08
CA LEU B 67 14.28 13.54 -34.15
C LEU B 67 13.54 14.31 -35.24
N LEU B 68 13.85 15.59 -35.41
CA LEU B 68 13.29 16.39 -36.51
C LEU B 68 13.79 15.92 -37.88
N ALA B 69 15.06 15.53 -37.98
CA ALA B 69 15.60 14.98 -39.23
C ALA B 69 14.92 13.65 -39.59
N LEU B 70 14.71 12.81 -38.58
CA LEU B 70 14.04 11.53 -38.75
C LEU B 70 12.59 11.72 -39.21
N SER B 71 11.94 12.73 -38.63
CA SER B 71 10.60 13.14 -39.03
C SER B 71 10.51 13.49 -40.53
N LYS B 72 11.44 14.30 -41.01
CA LYS B 72 11.56 14.61 -42.44
C LYS B 72 11.77 13.36 -43.30
N LYS B 73 12.78 12.58 -42.92
CA LYS B 73 13.14 11.35 -43.63
C LYS B 73 11.99 10.34 -43.79
N LEU B 74 11.19 10.15 -42.73
CA LEU B 74 10.07 9.21 -42.79
C LEU B 74 9.03 9.60 -43.82
N MSE B 75 8.69 10.89 -43.87
CA MSE B 75 7.67 11.40 -44.80
C MSE B 75 8.13 11.62 -46.22
O MSE B 75 7.30 11.78 -47.11
CB MSE B 75 7.02 12.68 -44.26
CG MSE B 75 6.24 12.42 -42.97
SE MSE B 75 4.92 10.94 -43.11
CE MSE B 75 3.69 11.83 -44.38
N GLU B 76 9.44 11.61 -46.47
CA GLU B 76 9.97 11.68 -47.83
C GLU B 76 10.09 10.31 -48.51
N MSE B 77 9.86 9.21 -47.79
CA MSE B 77 9.97 7.87 -48.38
C MSE B 77 8.82 7.64 -49.31
O MSE B 77 7.66 7.82 -48.90
CB MSE B 77 10.00 6.78 -47.32
CG MSE B 77 11.39 6.71 -46.73
SE MSE B 77 11.30 5.59 -45.12
CE MSE B 77 12.36 4.08 -45.82
N PRO B 78 9.10 7.25 -50.55
CA PRO B 78 8.04 7.18 -51.56
C PRO B 78 7.02 6.06 -51.30
N VAL B 79 5.81 6.30 -51.80
CA VAL B 79 4.76 5.29 -51.79
C VAL B 79 5.28 4.17 -52.69
N GLY B 80 5.30 2.95 -52.17
CA GLY B 80 5.75 1.78 -52.93
C GLY B 80 7.15 1.29 -52.64
N THR B 81 7.88 2.00 -51.77
CA THR B 81 9.00 1.44 -51.03
C THR B 81 8.60 0.07 -50.44
N PRO B 82 9.47 -0.96 -50.53
CA PRO B 82 9.12 -2.28 -49.98
C PRO B 82 8.63 -2.25 -48.53
N LYS B 83 7.58 -3.03 -48.24
CA LYS B 83 6.94 -3.03 -46.91
C LYS B 83 7.91 -3.31 -45.77
N GLU B 84 8.83 -4.25 -45.98
CA GLU B 84 9.79 -4.62 -44.94
C GLU B 84 10.75 -3.49 -44.57
N ASP B 85 11.15 -2.67 -45.57
CA ASP B 85 11.96 -1.49 -45.31
C ASP B 85 11.15 -0.42 -44.54
N LEU B 86 9.90 -0.24 -44.94
CA LEU B 86 9.00 0.69 -44.23
C LEU B 86 8.76 0.28 -42.77
N LYS B 87 8.59 -1.02 -42.54
CA LYS B 87 8.41 -1.54 -41.18
C LYS B 87 9.69 -1.45 -40.34
N ASN B 88 10.84 -1.81 -40.90
CA ASN B 88 12.13 -1.68 -40.21
C ASN B 88 12.40 -0.24 -39.79
N THR B 89 12.15 0.69 -40.71
CA THR B 89 12.33 2.12 -40.46
C THR B 89 11.40 2.61 -39.34
N LEU B 90 10.16 2.14 -39.37
CA LEU B 90 9.20 2.43 -38.30
C LEU B 90 9.66 1.90 -36.96
N ARG B 91 10.15 0.65 -36.92
CA ARG B 91 10.58 0.03 -35.67
CA ARG B 91 10.56 0.04 -35.67
C ARG B 91 11.85 0.68 -35.08
N ALA B 92 12.75 1.12 -35.96
CA ALA B 92 13.97 1.82 -35.53
C ALA B 92 13.63 3.20 -35.00
N SER B 93 12.68 3.87 -35.65
CA SER B 93 12.21 5.19 -35.23
C SER B 93 11.48 5.13 -33.90
N VAL B 94 10.65 4.11 -33.71
CA VAL B 94 9.94 3.90 -32.43
C VAL B 94 10.94 3.63 -31.29
N PHE B 95 12.01 2.90 -31.59
CA PHE B 95 13.09 2.65 -30.61
C PHE B 95 13.70 3.96 -30.10
N LEU B 96 13.98 4.89 -31.01
CA LEU B 96 14.51 6.21 -30.64
C LEU B 96 13.46 7.09 -29.93
N VAL B 97 12.21 7.06 -30.39
CA VAL B 97 11.12 7.81 -29.73
C VAL B 97 10.99 7.39 -28.26
N ARG B 98 11.01 6.07 -28.03
CA ARG B 98 10.86 5.51 -26.70
C ARG B 98 11.88 6.05 -25.69
N ARG B 99 13.14 6.18 -26.11
CA ARG B 99 14.16 6.74 -25.22
C ARG B 99 13.97 8.25 -25.05
N ALA B 100 13.66 8.95 -26.15
CA ALA B 100 13.50 10.40 -26.13
C ALA B 100 12.29 10.87 -25.31
N ILE B 101 11.30 10.00 -25.11
CA ILE B 101 10.18 10.31 -24.19
C ILE B 101 10.68 10.49 -22.75
N LYS B 102 11.78 9.84 -22.39
CA LYS B 102 12.42 10.03 -21.08
C LYS B 102 13.47 11.17 -21.04
N ASP B 103 13.51 12.06 -22.05
CA ASP B 103 14.59 13.06 -22.11
C ASP B 103 14.50 14.09 -20.99
N ILE B 104 15.67 14.55 -20.53
CA ILE B 104 15.78 15.56 -19.46
C ILE B 104 15.58 17.01 -19.94
N VAL B 105 15.44 17.22 -21.26
CA VAL B 105 15.19 18.53 -21.84
C VAL B 105 13.85 18.51 -22.57
N THR B 106 13.03 19.52 -22.27
CA THR B 106 11.65 19.60 -22.74
C THR B 106 11.51 19.58 -24.26
N SER B 107 12.32 20.36 -24.96
CA SER B 107 12.28 20.42 -26.42
C SER B 107 12.49 19.07 -27.12
N VAL B 108 13.33 18.22 -26.54
CA VAL B 108 13.59 16.89 -27.08
C VAL B 108 12.37 16.00 -26.83
N PHE B 109 11.83 16.05 -25.61
CA PHE B 109 10.60 15.36 -25.23
C PHE B 109 9.46 15.70 -26.19
N GLN B 110 9.28 17.00 -26.46
CA GLN B 110 8.23 17.49 -27.36
C GLN B 110 8.42 17.05 -28.81
N ALA B 111 9.66 17.06 -29.28
CA ALA B 111 9.96 16.61 -30.63
C ALA B 111 9.68 15.11 -30.80
N SER B 112 9.88 14.32 -29.75
CA SER B 112 9.57 12.89 -29.79
C SER B 112 8.06 12.64 -29.95
N LEU B 113 7.23 13.47 -29.31
CA LEU B 113 5.78 13.34 -29.43
C LEU B 113 5.29 13.71 -30.82
N LYS B 114 5.87 14.76 -31.39
CA LYS B 114 5.58 15.17 -32.75
C LYS B 114 5.91 14.05 -33.75
N LEU B 115 7.07 13.44 -33.57
CA LEU B 115 7.46 12.29 -34.37
C LEU B 115 6.51 11.10 -34.20
N LEU B 116 6.16 10.78 -32.95
CA LEU B 116 5.28 9.68 -32.65
C LEU B 116 3.90 9.86 -33.30
N LYS B 117 3.36 11.07 -33.16
CA LYS B 117 2.08 11.41 -33.77
C LYS B 117 2.12 11.28 -35.30
N MSE B 118 3.20 11.72 -35.92
CA MSE B 118 3.35 11.61 -37.38
CA MSE B 118 3.38 11.61 -37.38
C MSE B 118 3.40 10.17 -37.82
O MSE B 118 2.80 9.81 -38.83
CB MSE B 118 4.60 12.35 -37.85
CB MSE B 118 4.68 12.30 -37.79
CG MSE B 118 4.78 12.25 -39.36
CG MSE B 118 4.85 12.43 -39.30
SE MSE B 118 5.88 10.66 -39.73
SE MSE B 118 6.33 13.65 -39.73
CE MSE B 118 7.47 11.58 -39.07
CE MSE B 118 5.28 15.32 -39.90
N ILE B 119 4.09 9.31 -37.05
CA ILE B 119 4.19 7.89 -37.38
C ILE B 119 2.80 7.19 -37.34
N ILE B 120 2.04 7.41 -36.26
CA ILE B 120 0.73 6.78 -36.10
C ILE B 120 -0.32 7.35 -37.06
N THR B 121 -0.35 8.67 -37.21
CA THR B 121 -1.44 9.35 -37.94
C THR B 121 -1.19 9.67 -39.41
N GLN B 122 0.07 9.65 -39.86
CA GLN B 122 0.40 10.01 -41.24
C GLN B 122 1.15 8.91 -42.00
N TYR B 123 2.24 8.40 -41.42
CA TYR B 123 3.10 7.40 -42.06
C TYR B 123 2.39 6.05 -42.25
N ILE B 124 1.79 5.53 -41.17
CA ILE B 124 1.10 4.24 -41.22
C ILE B 124 -0.07 4.22 -42.26
N PRO B 125 -1.01 5.18 -42.20
CA PRO B 125 -2.05 5.26 -43.25
C PRO B 125 -1.55 5.58 -44.68
N LYS B 126 -0.49 6.37 -44.81
CA LYS B 126 0.11 6.66 -46.13
C LYS B 126 0.58 5.40 -46.85
N HIS B 127 1.22 4.50 -46.12
CA HIS B 127 1.78 3.27 -46.69
C HIS B 127 0.91 2.04 -46.45
N LYS B 128 -0.31 2.25 -45.93
CA LYS B 128 -1.31 1.20 -45.73
C LYS B 128 -0.77 0.03 -44.92
N LEU B 129 -0.08 0.36 -43.83
CA LEU B 129 0.46 -0.65 -42.92
C LEU B 129 -0.63 -1.14 -41.98
N SER B 130 -0.37 -2.26 -41.34
CA SER B 130 -1.40 -3.00 -40.60
C SER B 130 -1.62 -2.48 -39.17
N LYS B 131 -2.63 -3.05 -38.54
CA LYS B 131 -2.93 -2.83 -37.12
C LYS B 131 -1.81 -3.29 -36.18
N LEU B 132 -1.00 -4.27 -36.60
CA LEU B 132 0.17 -4.70 -35.81
C LEU B 132 1.23 -3.62 -35.66
N GLU B 133 1.40 -2.78 -36.70
CA GLU B 133 2.33 -1.64 -36.62
C GLU B 133 1.82 -0.57 -35.66
N THR B 134 0.55 -0.18 -35.83
CA THR B 134 -0.09 0.77 -34.94
C THR B 134 0.02 0.30 -33.49
N ALA B 135 -0.33 -0.96 -33.26
CA ALA B 135 -0.22 -1.56 -31.92
C ALA B 135 1.21 -1.51 -31.38
N HIS B 136 2.20 -1.79 -32.24
CA HIS B 136 3.61 -1.72 -31.84
C HIS B 136 4.02 -0.30 -31.37
N CYS B 137 3.65 0.73 -32.12
CA CYS B 137 3.92 2.11 -31.73
C CYS B 137 3.33 2.42 -30.35
N VAL B 138 2.08 2.04 -30.16
CA VAL B 138 1.33 2.31 -28.94
C VAL B 138 1.93 1.55 -27.75
N GLU B 139 2.16 0.25 -27.90
CA GLU B 139 2.64 -0.60 -26.79
C GLU B 139 4.05 -0.23 -26.32
N ARG B 140 4.91 0.19 -27.24
CA ARG B 140 6.28 0.58 -26.91
C ARG B 140 6.42 1.98 -26.31
N THR B 141 5.44 2.86 -26.51
CA THR B 141 5.54 4.27 -26.08
C THR B 141 4.59 4.68 -24.95
N ILE B 142 3.36 4.18 -24.93
CA ILE B 142 2.39 4.65 -23.93
C ILE B 142 2.79 4.37 -22.47
N PRO B 143 3.32 3.16 -22.15
CA PRO B 143 3.76 2.95 -20.76
C PRO B 143 4.88 3.91 -20.31
N VAL B 144 5.79 4.25 -21.23
CA VAL B 144 6.89 5.17 -20.92
C VAL B 144 6.33 6.59 -20.78
N LEU B 145 5.37 6.92 -21.62
CA LEU B 145 4.68 8.20 -21.54
C LEU B 145 3.85 8.37 -20.25
N LEU B 146 3.24 7.29 -19.76
CA LEU B 146 2.52 7.30 -18.48
C LEU B 146 3.43 7.58 -17.29
N THR B 147 4.66 7.07 -17.33
CA THR B 147 5.66 7.41 -16.32
C THR B 147 5.95 8.94 -16.26
N ARG B 148 5.98 9.61 -17.42
CA ARG B 148 6.15 11.07 -17.47
C ARG B 148 4.95 11.88 -16.93
N THR B 149 3.77 11.25 -16.76
CA THR B 149 2.66 11.90 -16.08
C THR B 149 2.84 11.92 -14.54
N GLY B 150 3.87 11.24 -14.03
CA GLY B 150 4.34 11.42 -12.66
C GLY B 150 5.54 12.35 -12.48
N ASP B 151 5.82 13.20 -13.47
CA ASP B 151 6.96 14.13 -13.41
C ASP B 151 6.74 15.22 -12.36
N SER B 152 7.82 15.82 -11.86
CA SER B 152 7.72 16.92 -10.90
C SER B 152 7.20 18.22 -11.55
N SER B 153 7.43 18.41 -12.85
CA SER B 153 6.92 19.57 -13.58
C SER B 153 5.46 19.37 -14.00
N ALA B 154 4.58 20.26 -13.53
CA ALA B 154 3.15 20.21 -13.83
C ALA B 154 2.86 20.40 -15.32
N ARG B 155 3.60 21.29 -15.95
CA ARG B 155 3.47 21.53 -17.39
C ARG B 155 3.80 20.27 -18.22
N LEU B 156 4.81 19.51 -17.79
CA LEU B 156 5.18 18.27 -18.44
C LEU B 156 4.13 17.18 -18.26
N ARG B 157 3.62 17.03 -17.03
CA ARG B 157 2.50 16.10 -16.75
C ARG B 157 1.30 16.35 -17.67
N VAL B 158 0.94 17.62 -17.84
CA VAL B 158 -0.20 18.01 -18.71
C VAL B 158 0.09 17.67 -20.19
N THR B 159 1.30 17.95 -20.65
CA THR B 159 1.67 17.64 -22.04
C THR B 159 1.61 16.13 -22.30
N ALA B 160 2.15 15.34 -21.38
CA ALA B 160 2.13 13.89 -21.49
C ALA B 160 0.70 13.36 -21.48
N ALA B 161 -0.11 13.84 -20.53
CA ALA B 161 -1.51 13.38 -20.39
C ALA B 161 -2.35 13.76 -21.61
N ASN B 162 -2.23 15.01 -22.07
CA ASN B 162 -2.94 15.44 -23.27
C ASN B 162 -2.59 14.59 -24.50
N PHE B 163 -1.32 14.21 -24.65
CA PHE B 163 -0.92 13.37 -25.78
C PHE B 163 -1.55 11.97 -25.72
N ILE B 164 -1.60 11.40 -24.52
CA ILE B 164 -2.20 10.07 -24.32
C ILE B 164 -3.70 10.12 -24.72
N GLN B 165 -4.37 11.18 -24.28
CA GLN B 165 -5.78 11.44 -24.63
C GLN B 165 -5.98 11.56 -26.13
N GLU B 166 -5.07 12.31 -26.75
CA GLU B 166 -5.07 12.53 -28.19
C GLU B 166 -4.93 11.21 -28.98
N MSE B 167 -4.00 10.35 -28.53
CA MSE B 167 -3.81 9.05 -29.19
C MSE B 167 -4.96 8.10 -28.94
O MSE B 167 -5.37 7.41 -29.85
CB MSE B 167 -2.53 8.35 -28.76
CG MSE B 167 -1.33 9.14 -29.31
SE MSE B 167 -1.23 9.38 -31.29
CE MSE B 167 -2.14 11.12 -31.53
N ALA B 168 -5.47 8.08 -27.70
CA ALA B 168 -6.61 7.22 -27.35
C ALA B 168 -7.86 7.45 -28.22
N LEU B 169 -8.01 8.66 -28.77
CA LEU B 169 -9.12 9.00 -29.65
C LEU B 169 -8.85 8.98 -31.15
N PHE B 170 -7.60 8.83 -31.57
CA PHE B 170 -7.33 8.59 -32.98
C PHE B 170 -7.98 7.28 -33.40
N LYS B 171 -8.67 7.30 -34.54
CA LYS B 171 -9.55 6.20 -34.97
C LYS B 171 -8.85 4.85 -34.93
N GLU B 172 -7.66 4.76 -35.51
CA GLU B 172 -6.92 3.50 -35.61
C GLU B 172 -6.51 2.95 -34.24
N VAL B 173 -6.15 3.83 -33.32
CA VAL B 173 -5.73 3.43 -31.97
C VAL B 173 -6.92 3.08 -31.07
N LYS B 174 -7.98 3.90 -31.16
CA LYS B 174 -9.23 3.66 -30.44
C LYS B 174 -9.80 2.25 -30.70
N SER B 175 -9.72 1.79 -31.94
CA SER B 175 -10.20 0.44 -32.33
C SER B 175 -9.49 -0.71 -31.62
N LEU B 176 -8.21 -0.52 -31.27
CA LEU B 176 -7.39 -1.56 -30.65
C LEU B 176 -7.67 -1.80 -29.17
N GLN B 177 -8.32 -0.83 -28.51
CA GLN B 177 -8.68 -0.93 -27.07
C GLN B 177 -7.49 -1.09 -26.11
N ILE B 178 -6.32 -0.61 -26.52
CA ILE B 178 -5.08 -0.82 -25.79
C ILE B 178 -4.94 0.17 -24.63
N ILE B 179 -5.18 1.46 -24.90
CA ILE B 179 -4.90 2.52 -23.91
C ILE B 179 -5.77 2.43 -22.64
N PRO B 180 -7.10 2.21 -22.78
CA PRO B 180 -7.93 1.98 -21.58
C PRO B 180 -7.44 0.88 -20.63
N SER B 181 -6.85 -0.18 -21.18
CA SER B 181 -6.32 -1.28 -20.37
C SER B 181 -5.12 -0.86 -19.50
N TYR B 182 -4.32 0.11 -19.95
CA TYR B 182 -3.25 0.67 -19.11
C TYR B 182 -3.80 1.55 -17.99
N LEU B 183 -4.89 2.26 -18.26
CA LEU B 183 -5.46 3.23 -17.30
C LEU B 183 -6.25 2.59 -16.15
N VAL B 184 -6.68 1.33 -16.33
CA VAL B 184 -7.38 0.59 -15.25
C VAL B 184 -6.48 -0.36 -14.46
N GLN B 185 -5.18 -0.36 -14.72
CA GLN B 185 -4.26 -1.19 -13.93
C GLN B 185 -4.17 -0.61 -12.52
N PRO B 186 -4.22 -1.47 -11.47
CA PRO B 186 -4.37 -0.89 -10.13
C PRO B 186 -3.18 -0.06 -9.72
N LEU B 187 -3.44 0.97 -8.92
CA LEU B 187 -2.41 1.85 -8.41
C LEU B 187 -1.57 1.09 -7.39
N LYS B 188 -0.25 1.14 -7.57
CA LYS B 188 0.67 0.46 -6.68
C LYS B 188 0.75 1.22 -5.35
N ALA B 189 1.01 0.50 -4.27
CA ALA B 189 1.06 1.08 -2.92
C ALA B 189 2.07 2.22 -2.82
N ASN B 190 3.28 1.96 -3.29
CA ASN B 190 4.38 2.94 -3.29
C ASN B 190 4.38 3.91 -4.48
N SER B 191 3.26 4.03 -5.21
CA SER B 191 3.16 4.93 -6.35
C SER B 191 3.20 6.38 -5.88
N SER B 192 3.75 7.24 -6.72
CA SER B 192 3.84 8.66 -6.46
C SER B 192 2.47 9.32 -6.42
N VAL B 193 2.39 10.46 -5.73
CA VAL B 193 1.16 11.25 -5.66
C VAL B 193 0.77 11.74 -7.07
N HIS B 194 1.75 12.22 -7.81
CA HIS B 194 1.52 12.75 -9.16
C HIS B 194 1.09 11.67 -10.15
N LEU B 195 1.74 10.52 -10.10
CA LEU B 195 1.45 9.40 -11.00
C LEU B 195 0.00 8.91 -10.82
N ALA B 196 -0.38 8.69 -9.57
CA ALA B 196 -1.74 8.25 -9.22
C ALA B 196 -2.82 9.23 -9.65
N MSE B 197 -2.61 10.51 -9.38
CA MSE B 197 -3.55 11.56 -9.75
CA MSE B 197 -3.56 11.56 -9.73
C MSE B 197 -3.72 11.67 -11.23
O MSE B 197 -4.84 11.88 -11.72
CB MSE B 197 -3.01 12.90 -9.32
CB MSE B 197 -3.10 12.91 -9.15
CG MSE B 197 -4.13 13.94 -9.34
CG MSE B 197 -3.36 12.98 -7.64
SE MSE B 197 -5.53 13.50 -8.03
SE MSE B 197 -2.60 14.63 -6.88
CE MSE B 197 -4.35 13.92 -6.50
CE MSE B 197 -4.07 15.84 -7.37
N SER B 198 -2.62 11.57 -11.96
CA SER B 198 -2.66 11.65 -13.42
C SER B 198 -3.41 10.48 -14.05
N GLN B 199 -3.17 9.28 -13.54
CA GLN B 199 -3.86 8.08 -14.05
C GLN B 199 -5.38 8.17 -13.82
N MSE B 200 -5.76 8.60 -12.63
CA MSE B 200 -7.17 8.80 -12.26
C MSE B 200 -7.85 9.87 -13.08
O MSE B 200 -8.99 9.68 -13.54
CB MSE B 200 -7.26 9.10 -10.76
CG MSE B 200 -7.35 7.74 -10.00
SE MSE B 200 -9.20 7.08 -9.74
CE MSE B 200 -10.24 8.51 -10.52
N GLY B 201 -7.14 10.98 -13.30
CA GLY B 201 -7.62 12.04 -14.20
C GLY B 201 -7.84 11.58 -15.62
N LEU B 202 -6.89 10.83 -16.17
CA LEU B 202 -7.01 10.25 -17.51
C LEU B 202 -8.15 9.24 -17.61
N LEU B 203 -8.30 8.40 -16.59
CA LEU B 203 -9.37 7.40 -16.55
C LEU B 203 -10.73 8.08 -16.61
N ALA B 204 -10.96 9.04 -15.71
CA ALA B 204 -12.24 9.76 -15.67
C ALA B 204 -12.55 10.49 -16.98
N ARG B 205 -11.55 11.17 -17.55
CA ARG B 205 -11.77 11.93 -18.79
C ARG B 205 -12.02 11.03 -20.00
N LEU B 206 -11.26 9.94 -20.13
CA LEU B 206 -11.44 9.02 -21.27
C LEU B 206 -12.65 8.09 -21.14
N LEU B 207 -12.99 7.71 -19.91
CA LEU B 207 -14.23 6.97 -19.63
C LEU B 207 -15.46 7.74 -20.12
N LYS B 208 -15.51 9.04 -19.83
CA LYS B 208 -16.57 9.90 -20.33
C LYS B 208 -16.57 10.06 -21.86
N ASP B 209 -15.39 10.15 -22.46
CA ASP B 209 -15.25 10.31 -23.92
C ASP B 209 -15.53 9.01 -24.70
N LEU B 210 -15.06 7.87 -24.18
CA LEU B 210 -15.14 6.57 -24.87
C LEU B 210 -16.26 5.64 -24.41
N GLY B 211 -16.66 5.74 -23.14
CA GLY B 211 -17.72 4.91 -22.58
C GLY B 211 -17.30 3.46 -22.34
N THR B 212 -18.29 2.59 -22.19
CA THR B 212 -18.12 1.15 -21.94
C THR B 212 -18.53 0.33 -23.17
N GLY B 213 -17.94 -0.86 -23.32
CA GLY B 213 -18.30 -1.79 -24.40
C GLY B 213 -17.18 -1.92 -25.42
N SER B 214 -17.28 -1.17 -26.52
CA SER B 214 -16.30 -1.20 -27.61
C SER B 214 -14.96 -0.52 -27.28
N SER B 215 -14.93 0.28 -26.22
CA SER B 215 -13.76 1.09 -25.85
C SER B 215 -12.57 0.28 -25.29
N GLY B 216 -12.85 -0.73 -24.47
CA GLY B 216 -11.84 -1.42 -23.67
C GLY B 216 -12.10 -1.25 -22.18
N PHE B 217 -12.81 -0.19 -21.81
CA PHE B 217 -13.35 -0.04 -20.46
C PHE B 217 -14.57 -0.95 -20.28
N THR B 218 -14.65 -1.63 -19.14
CA THR B 218 -15.79 -2.47 -18.76
C THR B 218 -16.20 -2.20 -17.32
N ILE B 219 -17.44 -2.59 -16.98
CA ILE B 219 -17.91 -2.53 -15.59
C ILE B 219 -16.91 -3.21 -14.66
N ASP B 220 -16.47 -4.39 -15.06
CA ASP B 220 -15.52 -5.15 -14.27
C ASP B 220 -14.23 -4.40 -13.98
N ASN B 221 -13.50 -4.00 -15.03
CA ASN B 221 -12.17 -3.39 -14.81
C ASN B 221 -12.21 -1.98 -14.21
N VAL B 222 -13.22 -1.18 -14.57
CA VAL B 222 -13.39 0.16 -13.98
C VAL B 222 -13.69 0.10 -12.48
N MSE B 223 -14.65 -0.74 -12.09
CA MSE B 223 -15.09 -0.84 -10.68
C MSE B 223 -14.02 -1.43 -9.81
O MSE B 223 -13.76 -0.94 -8.71
CB MSE B 223 -16.37 -1.68 -10.52
CG MSE B 223 -17.59 -1.03 -11.15
SE MSE B 223 -18.11 0.68 -10.32
CE MSE B 223 -17.88 0.21 -8.42
N LYS B 224 -13.38 -2.49 -10.31
CA LYS B 224 -12.23 -3.12 -9.66
C LYS B 224 -11.16 -2.06 -9.35
N PHE B 225 -10.84 -1.24 -10.34
CA PHE B 225 -9.90 -0.14 -10.17
C PHE B 225 -10.41 0.94 -9.21
N SER B 226 -11.66 1.39 -9.41
CA SER B 226 -12.23 2.50 -8.63
C SER B 226 -12.34 2.18 -7.14
N VAL B 227 -12.83 0.99 -6.82
CA VAL B 227 -12.94 0.54 -5.43
C VAL B 227 -11.56 0.41 -4.75
N SER B 228 -10.58 -0.11 -5.49
CA SER B 228 -9.20 -0.16 -5.00
C SER B 228 -8.64 1.23 -4.69
N ALA B 229 -9.00 2.20 -5.53
CA ALA B 229 -8.56 3.58 -5.38
C ALA B 229 -9.12 4.29 -4.14
N LEU B 230 -10.25 3.82 -3.62
CA LEU B 230 -10.80 4.37 -2.37
C LEU B 230 -9.91 4.18 -1.13
N GLU B 231 -8.94 3.26 -1.19
CA GLU B 231 -7.96 3.07 -0.11
C GLU B 231 -6.66 3.89 -0.29
N HIS B 232 -6.59 4.72 -1.33
CA HIS B 232 -5.36 5.45 -1.62
C HIS B 232 -5.12 6.56 -0.58
N ARG B 233 -3.86 6.83 -0.28
CA ARG B 233 -3.51 7.83 0.74
C ARG B 233 -3.86 9.28 0.40
N VAL B 234 -3.91 9.59 -0.90
CA VAL B 234 -4.14 10.94 -1.39
C VAL B 234 -5.63 11.20 -1.46
N TYR B 235 -6.08 12.27 -0.81
CA TYR B 235 -7.50 12.63 -0.74
C TYR B 235 -8.15 12.80 -2.11
N GLU B 236 -7.48 13.54 -2.99
CA GLU B 236 -7.98 13.81 -4.34
C GLU B 236 -8.18 12.55 -5.17
N VAL B 237 -7.31 11.54 -4.99
CA VAL B 237 -7.46 10.23 -5.65
C VAL B 237 -8.76 9.55 -5.19
N ARG B 238 -8.94 9.47 -3.86
CA ARG B 238 -10.15 8.88 -3.27
C ARG B 238 -11.42 9.62 -3.72
N GLU B 239 -11.36 10.95 -3.72
CA GLU B 239 -12.50 11.79 -4.10
C GLU B 239 -12.94 11.56 -5.55
N THR B 240 -11.98 11.37 -6.45
CA THR B 240 -12.30 11.12 -7.86
C THR B 240 -12.88 9.71 -8.05
N ALA B 241 -12.40 8.74 -7.27
CA ALA B 241 -12.97 7.39 -7.28
C ALA B 241 -14.47 7.40 -6.94
N VAL B 242 -14.84 8.20 -5.95
CA VAL B 242 -16.26 8.38 -5.57
C VAL B 242 -17.06 8.88 -6.76
N ARG B 243 -16.57 9.94 -7.39
CA ARG B 243 -17.23 10.54 -8.58
C ARG B 243 -17.45 9.55 -9.73
N ILE B 244 -16.47 8.67 -9.98
CA ILE B 244 -16.58 7.67 -11.04
C ILE B 244 -17.60 6.60 -10.65
N ILE B 245 -17.58 6.15 -9.40
CA ILE B 245 -18.54 5.14 -8.91
C ILE B 245 -19.99 5.64 -9.05
N LEU B 246 -20.23 6.90 -8.70
CA LEU B 246 -21.56 7.51 -8.84
C LEU B 246 -22.00 7.62 -10.29
N ASP B 247 -21.07 8.00 -11.19
CA ASP B 247 -21.36 8.03 -12.63
C ASP B 247 -21.70 6.65 -13.17
N MSE B 248 -21.04 5.62 -12.67
CA MSE B 248 -21.30 4.24 -13.11
C MSE B 248 -22.64 3.74 -12.62
O MSE B 248 -23.26 2.90 -13.27
CB MSE B 248 -20.20 3.30 -12.63
CG MSE B 248 -18.88 3.58 -13.33
SE MSE B 248 -18.86 2.98 -15.20
CE MSE B 248 -18.66 1.06 -14.79
N TYR B 249 -23.10 4.24 -11.47
CA TYR B 249 -24.42 3.91 -10.94
C TYR B 249 -25.55 4.55 -11.76
N ARG B 250 -25.36 5.80 -12.20
CA ARG B 250 -26.31 6.47 -13.10
C ARG B 250 -26.53 5.74 -14.43
N GLN B 251 -25.47 5.10 -14.94
CA GLN B 251 -25.53 4.41 -16.23
C GLN B 251 -26.00 2.96 -16.07
N HIS B 252 -25.33 2.22 -15.20
CA HIS B 252 -25.48 0.75 -15.11
C HIS B 252 -26.32 0.23 -13.92
N GLN B 253 -26.62 1.10 -12.95
CA GLN B 253 -27.61 0.83 -11.90
C GLN B 253 -27.28 -0.39 -11.00
N ALA B 254 -27.88 -1.54 -11.27
CA ALA B 254 -27.85 -2.68 -10.36
C ALA B 254 -26.59 -3.54 -10.49
N SER B 255 -26.05 -3.63 -11.70
CA SER B 255 -24.91 -4.52 -12.00
C SER B 255 -23.56 -4.13 -11.36
N ILE B 256 -23.46 -2.93 -10.78
CA ILE B 256 -22.23 -2.51 -10.08
C ILE B 256 -22.21 -2.83 -8.57
N LEU B 257 -23.35 -3.19 -7.99
CA LEU B 257 -23.46 -3.34 -6.52
C LEU B 257 -22.66 -4.51 -5.95
N GLU B 258 -22.46 -5.56 -6.74
CA GLU B 258 -21.62 -6.70 -6.35
C GLU B 258 -20.16 -6.30 -6.05
N TYR B 259 -19.68 -5.24 -6.70
CA TYR B 259 -18.31 -4.76 -6.53
C TYR B 259 -18.07 -3.95 -5.24
N LEU B 260 -19.14 -3.54 -4.54
CA LEU B 260 -19.06 -2.74 -3.31
C LEU B 260 -19.42 -3.58 -2.07
N PRO B 261 -19.11 -3.08 -0.86
CA PRO B 261 -19.66 -3.62 0.40
C PRO B 261 -21.18 -3.44 0.53
N PRO B 262 -21.80 -4.02 1.58
CA PRO B 262 -23.24 -3.92 1.71
C PRO B 262 -23.69 -2.58 2.30
N ASP B 263 -24.87 -2.12 1.89
CA ASP B 263 -25.43 -0.84 2.32
C ASP B 263 -25.99 -0.97 3.76
N ASP B 264 -25.11 -0.67 4.73
CA ASP B 264 -25.32 -0.86 6.17
C ASP B 264 -24.79 0.37 6.92
N SER B 265 -25.37 0.72 8.08
CA SER B 265 -24.84 1.80 8.94
C SER B 265 -23.43 1.53 9.51
N ASN B 266 -23.03 0.25 9.60
CA ASN B 266 -21.65 -0.11 9.97
C ASN B 266 -20.65 0.20 8.84
N THR B 267 -21.06 -0.06 7.60
CA THR B 267 -20.27 0.30 6.41
C THR B 267 -20.13 1.82 6.28
N ARG B 268 -21.21 2.55 6.58
CA ARG B 268 -21.25 4.01 6.47
C ARG B 268 -20.38 4.79 7.47
N ARG B 269 -19.80 4.09 8.47
CA ARG B 269 -18.82 4.73 9.37
C ARG B 269 -17.47 5.03 8.70
N ASN B 270 -17.27 4.60 7.45
CA ASN B 270 -16.26 5.19 6.60
C ASN B 270 -16.91 6.32 5.79
N ILE B 271 -16.31 7.51 5.82
CA ILE B 271 -16.95 8.72 5.25
C ILE B 271 -17.18 8.66 3.75
N LEU B 272 -16.28 7.98 3.04
CA LEU B 272 -16.33 7.88 1.58
C LEU B 272 -17.50 7.00 1.15
N TYR B 273 -17.68 5.87 1.83
CA TYR B 273 -18.81 4.99 1.56
C TYR B 273 -20.16 5.61 1.93
N LYS B 274 -20.18 6.45 2.97
CA LYS B 274 -21.37 7.25 3.29
C LYS B 274 -21.77 8.07 2.06
N THR B 275 -20.83 8.86 1.55
CA THR B 275 -21.04 9.71 0.36
C THR B 275 -21.55 8.91 -0.84
N ILE B 276 -20.98 7.72 -1.05
CA ILE B 276 -21.36 6.84 -2.14
C ILE B 276 -22.80 6.36 -1.99
N PHE B 277 -23.13 5.79 -0.83
CA PHE B 277 -24.44 5.15 -0.63
C PHE B 277 -25.61 6.14 -0.54
N GLU B 278 -25.41 7.29 0.09
CA GLU B 278 -26.42 8.35 0.03
C GLU B 278 -26.40 9.06 -1.32
N GLY B 279 -25.27 8.98 -2.03
CA GLY B 279 -25.21 9.31 -3.45
C GLY B 279 -26.12 8.42 -4.29
N PHE B 280 -26.07 7.11 -4.06
CA PHE B 280 -26.98 6.16 -4.72
C PHE B 280 -28.45 6.43 -4.37
N ALA B 281 -28.70 6.71 -3.09
CA ALA B 281 -30.05 7.07 -2.61
C ALA B 281 -30.61 8.31 -3.31
N LYS B 282 -29.74 9.29 -3.55
CA LYS B 282 -30.12 10.53 -4.25
C LYS B 282 -30.51 10.25 -5.71
N ILE B 283 -29.80 9.34 -6.36
CA ILE B 283 -30.01 9.02 -7.79
C ILE B 283 -31.31 8.26 -8.07
N ASP B 284 -31.78 7.45 -7.11
CA ASP B 284 -33.05 6.72 -7.32
C ASP B 284 -34.11 7.01 -6.22
N GLY B 285 -34.19 8.27 -5.81
CA GLY B 285 -35.28 8.78 -4.97
C GLY B 285 -35.51 8.18 -3.58
N ARG B 286 -34.49 7.58 -2.99
CA ARG B 286 -34.59 7.00 -1.64
C ARG B 286 -34.31 8.05 -0.56
N ALA B 287 -34.52 7.67 0.71
CA ALA B 287 -34.14 8.47 1.86
C ALA B 287 -32.92 7.87 2.56
#